data_3GJR
#
_entry.id   3GJR
#
_cell.length_a   50.401
_cell.length_b   69.679
_cell.length_c   93.396
_cell.angle_alpha   90.00
_cell.angle_beta   102.22
_cell.angle_gamma   90.00
#
_symmetry.space_group_name_H-M   'P 1 21 1'
#
loop_
_entity.id
_entity.type
_entity.pdbx_description
1 polymer 'Caspase-3 subunit p17'
2 polymer 'Caspase-3 subunit p12'
3 non-polymer 'methyl (3S)-3-[(tert-butoxycarbonyl)amino]-4-oxopentanoate'
4 non-polymer GLYCEROL
5 water water
#
loop_
_entity_poly.entity_id
_entity_poly.type
_entity_poly.pdbx_seq_one_letter_code
_entity_poly.pdbx_strand_id
1 'polypeptide(L)'
;SGISLDNSYKMDYPEMGLCIIINNKNFHKSTGMTSRSGTDVDAANLRETFRNLKYEVRNKNDLTREEIVELMRDVSKEDH
SKRSSFVCVLLSHGEEGIIFGTNGPVDLKKITNFFRGDRCRSLTGKPKLFIIQACRGTELDCGIETD
;
A,C
2 'polypeptide(L)'
;SGVDDDMACHKIPVEADFLYAYSTAPGYYSWRNSKDGSWFIQSLCAMLKQYADKLEFMHILTRVNRKVATEFESFSFDAT
FHAKKQIPCIVSMLTKELYFYHHHHHHH
;
B,D
#
loop_
_chem_comp.id
_chem_comp.type
_chem_comp.name
_chem_comp.formula
DZE non-polymer 'methyl (3S)-3-[(tert-butoxycarbonyl)amino]-4-oxopentanoate' 'C11 H19 N O5'
GOL non-polymer GLYCEROL 'C3 H8 O3'
#
# COMPACT_ATOMS: atom_id res chain seq x y z
N ASP A 6 13.77 10.18 -16.39
CA ASP A 6 13.83 8.91 -15.62
C ASP A 6 12.56 8.66 -14.78
N ASN A 7 11.43 8.59 -15.46
CA ASN A 7 10.15 8.35 -14.79
C ASN A 7 9.81 6.86 -14.81
N SER A 8 10.64 6.07 -15.50
CA SER A 8 10.44 4.62 -15.59
C SER A 8 11.72 3.85 -15.29
N TYR A 9 11.58 2.78 -14.52
CA TYR A 9 12.72 1.93 -14.20
C TYR A 9 13.35 1.39 -15.48
N LYS A 10 14.66 1.24 -15.43
CA LYS A 10 15.41 0.70 -16.55
C LYS A 10 15.15 -0.80 -16.58
N MET A 11 14.47 -1.28 -17.63
CA MET A 11 14.14 -2.70 -17.76
C MET A 11 14.80 -3.30 -19.00
N ASP A 12 15.80 -2.61 -19.53
CA ASP A 12 16.47 -3.12 -20.72
C ASP A 12 17.81 -3.80 -20.42
N TYR A 13 17.93 -4.35 -19.22
CA TYR A 13 19.12 -5.08 -18.81
C TYR A 13 19.12 -6.40 -19.56
N PRO A 14 20.26 -7.11 -19.58
CA PRO A 14 20.32 -8.40 -20.29
C PRO A 14 19.23 -9.38 -19.83
N GLU A 15 18.88 -9.32 -18.54
CA GLU A 15 17.87 -10.21 -17.97
C GLU A 15 16.75 -9.46 -17.22
N MET A 16 15.52 -9.98 -17.30
CA MET A 16 14.38 -9.36 -16.60
C MET A 16 14.54 -9.57 -15.10
N GLY A 17 15.09 -10.72 -14.74
CA GLY A 17 15.31 -11.05 -13.33
C GLY A 17 14.72 -12.38 -12.88
N LEU A 18 14.89 -12.70 -11.61
CA LEU A 18 14.38 -13.93 -11.04
C LEU A 18 12.93 -13.77 -10.59
N CYS A 19 12.23 -14.89 -10.48
CA CYS A 19 10.85 -14.92 -10.01
C CYS A 19 10.77 -16.15 -9.12
N ILE A 20 11.06 -15.96 -7.84
CA ILE A 20 11.04 -17.04 -6.87
C ILE A 20 9.63 -17.30 -6.39
N ILE A 21 9.13 -18.50 -6.62
CA ILE A 21 7.79 -18.86 -6.18
C ILE A 21 7.87 -19.92 -5.08
N ILE A 22 7.41 -19.56 -3.89
CA ILE A 22 7.42 -20.48 -2.77
C ILE A 22 5.99 -20.99 -2.65
N ASN A 23 5.79 -22.28 -2.93
CA ASN A 23 4.46 -22.86 -2.90
C ASN A 23 4.24 -23.88 -1.80
N ASN A 24 3.71 -23.42 -0.68
CA ASN A 24 3.47 -24.29 0.47
C ASN A 24 2.05 -24.87 0.43
N LYS A 25 1.94 -26.19 0.22
CA LYS A 25 0.64 -26.87 0.15
C LYS A 25 0.34 -27.74 1.36
N ASN A 26 1.34 -28.47 1.86
CA ASN A 26 1.14 -29.35 3.00
C ASN A 26 1.91 -28.89 4.23
N PHE A 27 1.18 -28.66 5.31
CA PHE A 27 1.77 -28.19 6.54
C PHE A 27 1.81 -29.27 7.62
N HIS A 28 2.84 -29.20 8.44
CA HIS A 28 3.04 -30.15 9.54
C HIS A 28 1.76 -30.29 10.36
N LYS A 29 1.44 -31.53 10.71
CA LYS A 29 0.24 -31.86 11.47
C LYS A 29 0.10 -30.99 12.72
N SER A 30 1.22 -30.75 13.39
CA SER A 30 1.23 -29.94 14.61
C SER A 30 0.66 -28.54 14.42
N THR A 31 0.91 -27.94 13.25
CA THR A 31 0.42 -26.59 12.96
C THR A 31 -1.09 -26.49 12.92
N GLY A 32 -1.75 -27.60 12.60
CA GLY A 32 -3.20 -27.59 12.52
C GLY A 32 -3.72 -26.75 11.37
N MET A 33 -3.01 -26.74 10.25
CA MET A 33 -3.43 -25.98 9.09
C MET A 33 -3.78 -26.89 7.92
N THR A 34 -5.03 -26.79 7.47
CA THR A 34 -5.52 -27.59 6.36
C THR A 34 -4.69 -27.35 5.11
N SER A 35 -4.55 -28.39 4.29
CA SER A 35 -3.79 -28.28 3.06
C SER A 35 -4.41 -27.22 2.16
N ARG A 36 -3.55 -26.45 1.48
CA ARG A 36 -3.99 -25.37 0.62
C ARG A 36 -4.36 -25.92 -0.78
N SER A 37 -5.40 -26.76 -0.84
CA SER A 37 -5.81 -27.35 -2.11
C SER A 37 -6.11 -26.26 -3.13
N GLY A 38 -5.61 -26.46 -4.34
CA GLY A 38 -5.82 -25.49 -5.40
C GLY A 38 -4.57 -24.64 -5.58
N THR A 39 -3.63 -24.75 -4.63
CA THR A 39 -2.43 -23.94 -4.72
C THR A 39 -1.51 -24.31 -5.89
N ASP A 40 -1.56 -25.55 -6.37
CA ASP A 40 -0.71 -25.94 -7.50
C ASP A 40 -1.15 -25.23 -8.78
N VAL A 41 -2.45 -25.01 -8.90
CA VAL A 41 -2.98 -24.30 -10.05
C VAL A 41 -2.37 -22.89 -10.08
N ASP A 42 -2.22 -22.26 -8.92
CA ASP A 42 -1.63 -20.92 -8.84
C ASP A 42 -0.16 -20.96 -9.24
N ALA A 43 0.59 -21.89 -8.65
CA ALA A 43 2.01 -22.02 -8.95
C ALA A 43 2.25 -22.20 -10.44
N ALA A 44 1.46 -23.07 -11.05
CA ALA A 44 1.61 -23.31 -12.48
C ALA A 44 1.22 -22.07 -13.29
N ASN A 45 0.17 -21.38 -12.86
CA ASN A 45 -0.31 -20.17 -13.53
C ASN A 45 0.78 -19.09 -13.50
N LEU A 46 1.30 -18.82 -12.30
CA LEU A 46 2.35 -17.82 -12.11
C LEU A 46 3.58 -18.16 -12.93
N ARG A 47 3.93 -19.44 -12.95
CA ARG A 47 5.11 -19.90 -13.68
C ARG A 47 4.98 -19.59 -15.16
N GLU A 48 3.84 -19.95 -15.75
CA GLU A 48 3.61 -19.70 -17.17
C GLU A 48 3.60 -18.20 -17.42
N THR A 49 2.81 -17.50 -16.61
CA THR A 49 2.68 -16.06 -16.73
C THR A 49 4.01 -15.33 -16.66
N PHE A 50 4.83 -15.62 -15.64
CA PHE A 50 6.12 -14.95 -15.52
C PHE A 50 7.16 -15.40 -16.54
N ARG A 51 6.97 -16.57 -17.12
CA ARG A 51 7.88 -17.08 -18.15
C ARG A 51 7.67 -16.22 -19.38
N ASN A 52 6.43 -15.84 -19.64
CA ASN A 52 6.11 -14.99 -20.79
C ASN A 52 6.71 -13.61 -20.64
N LEU A 53 6.75 -13.10 -19.42
CA LEU A 53 7.33 -11.79 -19.17
C LEU A 53 8.86 -11.87 -19.17
N LYS A 54 9.37 -13.06 -19.50
CA LYS A 54 10.80 -13.32 -19.58
C LYS A 54 11.57 -13.42 -18.27
N TYR A 55 10.89 -13.86 -17.22
CA TYR A 55 11.53 -14.01 -15.92
C TYR A 55 12.10 -15.42 -15.75
N GLU A 56 13.19 -15.52 -14.99
CA GLU A 56 13.81 -16.81 -14.72
C GLU A 56 13.06 -17.36 -13.51
N VAL A 57 12.06 -18.21 -13.76
CA VAL A 57 11.24 -18.74 -12.69
C VAL A 57 11.89 -19.92 -11.93
N ARG A 58 11.71 -19.93 -10.62
CA ARG A 58 12.21 -21.01 -9.78
C ARG A 58 11.10 -21.35 -8.77
N ASN A 59 10.47 -22.51 -8.95
CA ASN A 59 9.40 -22.95 -8.03
C ASN A 59 9.99 -23.81 -6.92
N LYS A 60 9.59 -23.52 -5.67
CA LYS A 60 10.03 -24.32 -4.53
C LYS A 60 8.77 -24.75 -3.82
N ASN A 61 8.64 -26.03 -3.53
CA ASN A 61 7.43 -26.51 -2.88
C ASN A 61 7.63 -27.00 -1.45
N ASP A 62 6.65 -26.69 -0.62
CA ASP A 62 6.64 -27.09 0.78
C ASP A 62 7.96 -26.85 1.51
N LEU A 63 8.24 -25.58 1.76
CA LEU A 63 9.46 -25.23 2.46
C LEU A 63 9.17 -24.92 3.94
N THR A 64 10.10 -25.29 4.81
CA THR A 64 9.92 -25.03 6.22
C THR A 64 10.26 -23.55 6.45
N ARG A 65 9.90 -23.06 7.63
CA ARG A 65 10.18 -21.69 8.01
C ARG A 65 11.67 -21.41 7.83
N GLU A 66 12.50 -22.41 8.11
CA GLU A 66 13.94 -22.24 7.97
C GLU A 66 14.36 -22.18 6.50
N GLU A 67 13.84 -23.09 5.69
CA GLU A 67 14.17 -23.16 4.27
C GLU A 67 13.77 -21.91 3.49
N ILE A 68 12.73 -21.23 3.96
CA ILE A 68 12.28 -20.00 3.30
C ILE A 68 13.35 -18.92 3.51
N VAL A 69 13.88 -18.83 4.73
CA VAL A 69 14.91 -17.85 5.06
C VAL A 69 16.21 -18.06 4.29
N GLU A 70 16.82 -19.24 4.40
CA GLU A 70 18.05 -19.51 3.69
C GLU A 70 17.87 -19.34 2.19
N LEU A 71 16.69 -19.69 1.67
CA LEU A 71 16.41 -19.53 0.25
C LEU A 71 16.49 -18.06 -0.12
N MET A 72 15.79 -17.24 0.67
CA MET A 72 15.77 -15.80 0.44
C MET A 72 17.17 -15.21 0.66
N ARG A 73 17.87 -15.71 1.67
CA ARG A 73 19.22 -15.24 1.97
C ARG A 73 20.17 -15.54 0.82
N ASP A 74 20.13 -16.76 0.30
CA ASP A 74 21.01 -17.16 -0.79
C ASP A 74 20.70 -16.39 -2.08
N VAL A 75 19.44 -16.08 -2.30
CA VAL A 75 19.04 -15.34 -3.50
C VAL A 75 19.55 -13.91 -3.45
N SER A 76 19.39 -13.28 -2.29
CA SER A 76 19.84 -11.90 -2.09
C SER A 76 21.35 -11.83 -2.17
N LYS A 77 22.02 -12.95 -1.90
CA LYS A 77 23.47 -12.99 -1.96
C LYS A 77 23.95 -13.26 -3.39
N GLU A 78 23.03 -13.31 -4.33
CA GLU A 78 23.40 -13.55 -5.73
C GLU A 78 23.79 -12.23 -6.41
N ASP A 79 24.41 -12.33 -7.57
CA ASP A 79 24.82 -11.16 -8.33
C ASP A 79 23.71 -10.83 -9.33
N HIS A 80 22.88 -9.84 -8.99
CA HIS A 80 21.76 -9.44 -9.83
C HIS A 80 22.12 -8.31 -10.82
N SER A 81 23.40 -8.01 -10.92
CA SER A 81 23.89 -6.93 -11.80
C SER A 81 23.23 -6.89 -13.18
N LYS A 82 23.26 -8.01 -13.87
CA LYS A 82 22.69 -8.10 -15.21
C LYS A 82 21.16 -8.22 -15.22
N ARG A 83 20.52 -8.15 -14.05
CA ARG A 83 19.06 -8.28 -13.98
C ARG A 83 18.33 -6.96 -13.71
N SER A 84 17.23 -6.74 -14.44
CA SER A 84 16.45 -5.52 -14.30
C SER A 84 15.70 -5.42 -12.99
N SER A 85 15.18 -6.53 -12.51
CA SER A 85 14.41 -6.53 -11.29
C SER A 85 14.40 -7.85 -10.58
N PHE A 86 13.52 -7.96 -9.60
CA PHE A 86 13.37 -9.17 -8.80
C PHE A 86 11.92 -9.37 -8.40
N VAL A 87 11.49 -10.63 -8.40
CA VAL A 87 10.13 -10.99 -8.02
C VAL A 87 10.11 -12.25 -7.14
N CYS A 88 9.24 -12.23 -6.13
CA CYS A 88 9.08 -13.36 -5.22
C CYS A 88 7.60 -13.48 -4.92
N VAL A 89 7.06 -14.69 -5.06
CA VAL A 89 5.65 -14.92 -4.79
C VAL A 89 5.54 -15.88 -3.62
N LEU A 90 4.67 -15.58 -2.67
CA LEU A 90 4.50 -16.43 -1.51
C LEU A 90 3.08 -16.97 -1.50
N LEU A 91 2.94 -18.29 -1.63
CA LEU A 91 1.64 -18.92 -1.62
C LEU A 91 1.61 -19.77 -0.36
N SER A 92 0.78 -19.40 0.59
CA SER A 92 0.74 -20.14 1.84
C SER A 92 -0.28 -19.53 2.79
N HIS A 93 -0.30 -20.07 4.01
CA HIS A 93 -1.20 -19.57 5.05
C HIS A 93 -0.45 -18.39 5.64
N GLY A 94 -1.17 -17.54 6.37
CA GLY A 94 -0.55 -16.38 6.98
C GLY A 94 -1.45 -15.62 7.94
N GLU A 95 -0.86 -14.58 8.54
CA GLU A 95 -1.51 -13.67 9.48
C GLU A 95 -0.86 -12.31 9.20
N GLU A 96 -1.38 -11.26 9.82
CA GLU A 96 -0.83 -9.92 9.60
C GLU A 96 0.69 -9.91 9.75
N GLY A 97 1.38 -9.50 8.69
CA GLY A 97 2.83 -9.44 8.70
C GLY A 97 3.51 -10.80 8.83
N ILE A 98 2.76 -11.87 8.66
CA ILE A 98 3.31 -13.22 8.81
C ILE A 98 2.98 -14.17 7.66
N ILE A 99 3.99 -14.93 7.24
CA ILE A 99 3.84 -15.93 6.19
C ILE A 99 4.24 -17.27 6.83
N PHE A 100 3.47 -18.32 6.58
CA PHE A 100 3.74 -19.64 7.16
C PHE A 100 4.58 -20.62 6.37
N GLY A 101 5.61 -21.14 7.03
CA GLY A 101 6.39 -22.14 6.45
C GLY A 101 5.63 -23.41 6.71
N THR A 102 6.05 -24.55 6.21
CA THR A 102 5.27 -25.75 6.48
C THR A 102 5.28 -26.14 7.96
N ASN A 103 6.26 -25.65 8.71
CA ASN A 103 6.36 -26.00 10.13
C ASN A 103 6.11 -24.87 11.12
N GLY A 104 5.81 -23.68 10.61
CA GLY A 104 5.59 -22.56 11.50
C GLY A 104 5.62 -21.20 10.83
N PRO A 105 5.28 -20.14 11.58
CA PRO A 105 5.27 -18.77 11.05
C PRO A 105 6.65 -18.14 10.84
N VAL A 106 6.72 -17.22 9.89
CA VAL A 106 7.93 -16.47 9.56
C VAL A 106 7.50 -15.02 9.34
N ASP A 107 8.20 -14.06 9.93
CA ASP A 107 7.85 -12.65 9.73
C ASP A 107 8.20 -12.22 8.32
N LEU A 108 7.29 -11.52 7.67
CA LEU A 108 7.52 -11.03 6.32
C LEU A 108 8.71 -10.09 6.28
N LYS A 109 8.89 -9.33 7.36
CA LYS A 109 9.98 -8.38 7.44
C LYS A 109 11.33 -9.06 7.32
N LYS A 110 11.50 -10.17 8.05
CA LYS A 110 12.74 -10.93 8.03
C LYS A 110 13.11 -11.36 6.61
N ILE A 111 12.09 -11.65 5.81
CA ILE A 111 12.29 -12.08 4.44
C ILE A 111 12.70 -10.90 3.55
N THR A 112 11.86 -9.87 3.53
CA THR A 112 12.13 -8.69 2.71
C THR A 112 13.43 -7.94 3.07
N ASN A 113 13.86 -8.00 4.32
CA ASN A 113 15.09 -7.31 4.70
C ASN A 113 16.32 -7.71 3.87
N PHE A 114 16.42 -8.98 3.52
CA PHE A 114 17.55 -9.46 2.72
C PHE A 114 17.73 -8.63 1.46
N PHE A 115 16.63 -8.06 0.96
CA PHE A 115 16.68 -7.29 -0.27
C PHE A 115 16.77 -5.78 -0.07
N ARG A 116 16.88 -5.35 1.19
CA ARG A 116 17.00 -3.93 1.48
C ARG A 116 18.07 -3.28 0.60
N GLY A 117 17.83 -2.04 0.18
CA GLY A 117 18.76 -1.34 -0.68
C GLY A 117 20.23 -1.40 -0.32
N ASP A 118 20.52 -1.52 0.97
CA ASP A 118 21.89 -1.58 1.47
C ASP A 118 22.41 -3.00 1.70
N ARG A 119 21.49 -3.96 1.79
CA ARG A 119 21.86 -5.35 2.01
C ARG A 119 21.98 -6.17 0.73
N CYS A 120 21.44 -5.65 -0.36
CA CYS A 120 21.55 -6.35 -1.65
C CYS A 120 21.88 -5.30 -2.70
N ARG A 121 23.13 -4.86 -2.69
CA ARG A 121 23.64 -3.83 -3.59
C ARG A 121 23.32 -4.02 -5.08
N SER A 122 23.34 -5.26 -5.59
CA SER A 122 23.07 -5.45 -7.01
C SER A 122 21.59 -5.28 -7.40
N LEU A 123 20.75 -5.00 -6.42
CA LEU A 123 19.31 -4.75 -6.69
C LEU A 123 18.91 -3.33 -6.22
N THR A 124 19.89 -2.51 -5.82
CA THR A 124 19.60 -1.13 -5.40
C THR A 124 19.14 -0.35 -6.63
N GLY A 125 18.06 0.40 -6.49
CA GLY A 125 17.55 1.17 -7.61
C GLY A 125 16.73 0.34 -8.58
N LYS A 126 16.54 -0.93 -8.26
CA LYS A 126 15.77 -1.81 -9.12
C LYS A 126 14.53 -2.30 -8.37
N PRO A 127 13.39 -2.35 -9.06
CA PRO A 127 12.14 -2.79 -8.43
C PRO A 127 12.16 -4.22 -7.89
N LYS A 128 11.81 -4.34 -6.61
CA LYS A 128 11.75 -5.62 -5.89
C LYS A 128 10.28 -5.90 -5.55
N LEU A 129 9.67 -6.79 -6.34
CA LEU A 129 8.26 -7.13 -6.18
C LEU A 129 7.98 -8.34 -5.29
N PHE A 130 7.05 -8.19 -4.36
CA PHE A 130 6.67 -9.30 -3.48
C PHE A 130 5.16 -9.56 -3.56
N ILE A 131 4.77 -10.58 -4.33
CA ILE A 131 3.36 -10.94 -4.48
C ILE A 131 3.02 -11.93 -3.37
N ILE A 132 2.17 -11.49 -2.47
CA ILE A 132 1.81 -12.31 -1.31
C ILE A 132 0.37 -12.81 -1.28
N GLN A 133 0.19 -14.10 -1.53
CA GLN A 133 -1.14 -14.72 -1.48
C GLN A 133 -1.17 -15.47 -0.14
N ALA A 134 -1.89 -14.89 0.82
CA ALA A 134 -1.99 -15.48 2.15
C ALA A 134 -2.92 -14.64 3.02
N CYS A 135 -3.46 -15.24 4.09
CA CYS A 135 -4.33 -14.47 4.97
C CYS A 135 -3.53 -13.43 5.75
N ARG A 136 -4.24 -12.42 6.26
CA ARG A 136 -3.64 -11.33 7.03
C ARG A 136 -4.49 -11.08 8.29
N GLY A 137 -5.28 -12.09 8.66
CA GLY A 137 -6.15 -11.98 9.82
C GLY A 137 -7.37 -12.85 9.62
N THR A 138 -8.32 -12.77 10.54
CA THR A 138 -9.51 -13.59 10.46
C THR A 138 -10.80 -12.83 10.10
N GLU A 139 -10.70 -11.56 9.77
CA GLU A 139 -11.88 -10.78 9.42
C GLU A 139 -12.42 -11.11 8.03
N LEU A 140 -13.74 -11.07 7.90
CA LEU A 140 -14.39 -11.36 6.63
C LEU A 140 -15.13 -10.13 6.12
N ASP A 141 -15.05 -9.88 4.81
CA ASP A 141 -15.70 -8.73 4.20
C ASP A 141 -17.08 -9.17 3.72
N CYS A 142 -18.11 -8.74 4.43
CA CYS A 142 -19.47 -9.13 4.07
C CYS A 142 -19.99 -8.39 2.84
N GLY A 143 -19.18 -7.45 2.35
CA GLY A 143 -19.54 -6.70 1.18
C GLY A 143 -20.77 -5.85 1.36
N ILE A 144 -21.08 -5.09 0.32
CA ILE A 144 -22.23 -4.21 0.29
C ILE A 144 -22.79 -4.21 -1.13
N GLU A 145 -24.11 -4.13 -1.26
CA GLU A 145 -24.77 -4.12 -2.57
C GLU A 145 -24.58 -2.82 -3.33
N THR A 146 -24.47 -2.94 -4.65
CA THR A 146 -24.28 -1.79 -5.54
C THR A 146 -25.60 -1.20 -6.01
N LYS B 11 22.22 9.28 -1.90
CA LYS B 11 21.50 8.29 -1.10
C LYS B 11 19.99 8.16 -1.35
N ILE B 12 19.49 6.95 -1.15
CA ILE B 12 18.05 6.63 -1.27
C ILE B 12 17.70 5.78 -0.06
N PRO B 13 16.42 5.78 0.36
CA PRO B 13 16.02 4.96 1.51
C PRO B 13 16.26 3.48 1.21
N VAL B 14 16.69 2.73 2.22
CA VAL B 14 16.94 1.31 2.04
C VAL B 14 15.61 0.57 1.84
N GLU B 15 14.51 1.22 2.21
CA GLU B 15 13.19 0.62 2.06
C GLU B 15 12.52 1.03 0.74
N ALA B 16 13.25 1.74 -0.11
CA ALA B 16 12.73 2.21 -1.39
C ALA B 16 12.81 1.17 -2.51
N ASP B 17 11.95 1.32 -3.51
CA ASP B 17 11.91 0.42 -4.66
C ASP B 17 11.40 -0.95 -4.26
N PHE B 18 10.42 -0.93 -3.38
CA PHE B 18 9.80 -2.16 -2.92
C PHE B 18 8.34 -2.09 -3.24
N LEU B 19 7.76 -3.19 -3.74
CA LEU B 19 6.33 -3.21 -4.03
C LEU B 19 5.73 -4.46 -3.42
N TYR B 20 4.74 -4.28 -2.57
CA TYR B 20 4.12 -5.42 -1.91
C TYR B 20 2.68 -5.55 -2.38
N ALA B 21 2.43 -6.51 -3.26
CA ALA B 21 1.08 -6.71 -3.76
C ALA B 21 0.40 -7.79 -2.93
N TYR B 22 -0.41 -7.37 -1.96
CA TYR B 22 -1.11 -8.30 -1.12
C TYR B 22 -2.41 -8.72 -1.76
N SER B 23 -2.78 -9.97 -1.47
CA SER B 23 -4.00 -10.55 -1.99
C SER B 23 -5.25 -9.97 -1.32
N THR B 24 -5.09 -9.53 -0.07
CA THR B 24 -6.22 -9.00 0.68
C THR B 24 -5.79 -7.83 1.61
N ALA B 25 -6.77 -7.09 2.14
CA ALA B 25 -6.51 -5.97 3.02
C ALA B 25 -6.01 -6.43 4.37
N PRO B 26 -5.32 -5.54 5.12
CA PRO B 26 -4.77 -5.85 6.44
C PRO B 26 -5.86 -6.38 7.38
N GLY B 27 -5.57 -7.47 8.06
CA GLY B 27 -6.51 -8.06 9.00
C GLY B 27 -7.57 -8.99 8.44
N TYR B 28 -7.67 -9.07 7.11
CA TYR B 28 -8.68 -9.91 6.47
C TYR B 28 -8.21 -11.24 5.91
N TYR B 29 -9.20 -12.10 5.63
CA TYR B 29 -8.99 -13.42 5.05
C TYR B 29 -8.68 -13.25 3.58
N SER B 30 -8.05 -14.26 2.99
CA SER B 30 -7.76 -14.27 1.56
C SER B 30 -8.39 -15.58 1.05
N TRP B 31 -9.29 -15.48 0.08
CA TRP B 31 -9.97 -16.67 -0.44
C TRP B 31 -9.26 -17.44 -1.54
N ARG B 32 -9.37 -18.76 -1.48
CA ARG B 32 -8.76 -19.64 -2.46
C ARG B 32 -9.77 -20.73 -2.80
N ASN B 33 -9.95 -20.98 -4.11
CA ASN B 33 -10.88 -22.00 -4.59
C ASN B 33 -10.03 -23.25 -4.89
N SER B 34 -10.34 -24.34 -4.21
CA SER B 34 -9.60 -25.58 -4.37
C SER B 34 -9.48 -26.11 -5.80
N LYS B 35 -10.28 -25.58 -6.71
CA LYS B 35 -10.23 -26.06 -8.09
C LYS B 35 -9.60 -25.05 -9.05
N ASP B 36 -9.91 -23.76 -8.87
CA ASP B 36 -9.40 -22.72 -9.76
C ASP B 36 -8.17 -21.99 -9.26
N GLY B 37 -7.91 -22.10 -7.95
CA GLY B 37 -6.78 -21.42 -7.34
C GLY B 37 -7.29 -20.22 -6.58
N SER B 38 -6.39 -19.43 -6.00
CA SER B 38 -6.81 -18.24 -5.25
C SER B 38 -7.39 -17.18 -6.19
N TRP B 39 -8.35 -16.43 -5.68
CA TRP B 39 -8.99 -15.36 -6.45
C TRP B 39 -7.96 -14.33 -6.88
N PHE B 40 -7.02 -14.03 -5.97
CA PHE B 40 -6.00 -13.05 -6.25
C PHE B 40 -5.05 -13.49 -7.35
N ILE B 41 -4.38 -14.63 -7.15
CA ILE B 41 -3.41 -15.12 -8.14
C ILE B 41 -4.05 -15.35 -9.50
N GLN B 42 -5.30 -15.78 -9.47
CA GLN B 42 -6.08 -16.05 -10.67
C GLN B 42 -6.15 -14.75 -11.47
N SER B 43 -6.69 -13.72 -10.81
CA SER B 43 -6.87 -12.42 -11.42
C SER B 43 -5.58 -11.73 -11.83
N LEU B 44 -4.55 -11.88 -11.02
CA LEU B 44 -3.26 -11.27 -11.30
C LEU B 44 -2.68 -11.79 -12.64
N CYS B 45 -2.63 -13.11 -12.79
CA CYS B 45 -2.12 -13.74 -14.00
C CYS B 45 -2.91 -13.31 -15.24
N ALA B 46 -4.23 -13.29 -15.11
CA ALA B 46 -5.08 -12.88 -16.23
C ALA B 46 -4.77 -11.45 -16.63
N MET B 47 -4.76 -10.54 -15.67
CA MET B 47 -4.46 -9.16 -15.99
C MET B 47 -3.06 -9.00 -16.58
N LEU B 48 -2.06 -9.68 -16.01
CA LEU B 48 -0.71 -9.59 -16.55
C LEU B 48 -0.60 -10.15 -17.97
N LYS B 49 -1.32 -11.24 -18.22
CA LYS B 49 -1.28 -11.87 -19.55
C LYS B 49 -1.93 -10.97 -20.57
N GLN B 50 -2.93 -10.22 -20.14
CA GLN B 50 -3.62 -9.35 -21.06
C GLN B 50 -3.08 -7.91 -21.20
N TYR B 51 -2.56 -7.35 -20.13
CA TYR B 51 -2.09 -5.95 -20.17
C TYR B 51 -0.61 -5.67 -19.95
N ALA B 52 0.17 -6.66 -19.52
CA ALA B 52 1.59 -6.42 -19.25
C ALA B 52 2.37 -5.87 -20.44
N ASP B 53 1.78 -5.92 -21.62
CA ASP B 53 2.47 -5.46 -22.81
C ASP B 53 2.09 -4.02 -23.20
N LYS B 54 1.27 -3.41 -22.34
CA LYS B 54 0.86 -2.01 -22.53
C LYS B 54 0.72 -1.17 -21.24
N LEU B 55 0.07 -1.70 -20.20
CA LEU B 55 -0.11 -0.94 -18.97
C LEU B 55 1.06 -0.95 -17.97
N GLU B 56 1.09 0.07 -17.10
CA GLU B 56 2.10 0.18 -16.07
C GLU B 56 1.64 -0.72 -14.93
N PHE B 57 2.57 -1.27 -14.16
CA PHE B 57 2.22 -2.18 -13.08
C PHE B 57 1.12 -1.76 -12.10
N MET B 58 1.19 -0.53 -11.60
CA MET B 58 0.17 -0.06 -10.67
C MET B 58 -1.22 -0.11 -11.34
N HIS B 59 -1.28 0.28 -12.60
CA HIS B 59 -2.55 0.26 -13.32
C HIS B 59 -3.07 -1.17 -13.51
N ILE B 60 -2.16 -2.11 -13.74
CA ILE B 60 -2.56 -3.51 -13.91
C ILE B 60 -3.04 -4.05 -12.57
N LEU B 61 -2.34 -3.69 -11.49
CA LEU B 61 -2.73 -4.16 -10.18
C LEU B 61 -4.05 -3.55 -9.74
N THR B 62 -4.41 -2.42 -10.34
CA THR B 62 -5.66 -1.76 -10.00
C THR B 62 -6.78 -2.55 -10.68
N ARG B 63 -6.48 -3.07 -11.88
CA ARG B 63 -7.42 -3.88 -12.63
C ARG B 63 -7.65 -5.18 -11.83
N VAL B 64 -6.57 -5.73 -11.29
CA VAL B 64 -6.67 -6.95 -10.49
C VAL B 64 -7.61 -6.69 -9.31
N ASN B 65 -7.50 -5.50 -8.74
CA ASN B 65 -8.33 -5.08 -7.61
C ASN B 65 -9.81 -5.09 -7.97
N ARG B 66 -10.15 -4.56 -9.15
CA ARG B 66 -11.55 -4.52 -9.58
C ARG B 66 -12.08 -5.91 -9.89
N LYS B 67 -11.30 -6.72 -10.60
CA LYS B 67 -11.71 -8.07 -10.96
C LYS B 67 -11.99 -8.89 -9.70
N VAL B 68 -11.10 -8.82 -8.72
CA VAL B 68 -11.30 -9.57 -7.48
C VAL B 68 -12.48 -9.07 -6.67
N ALA B 69 -12.68 -7.76 -6.67
CA ALA B 69 -13.75 -7.15 -5.91
C ALA B 69 -15.11 -7.35 -6.56
N THR B 70 -15.15 -7.43 -7.87
CA THR B 70 -16.43 -7.57 -8.54
C THR B 70 -16.84 -8.98 -8.96
N GLU B 71 -15.92 -9.71 -9.59
CA GLU B 71 -16.20 -11.05 -10.11
C GLU B 71 -16.18 -12.20 -9.12
N PHE B 72 -15.78 -11.95 -7.88
CA PHE B 72 -15.69 -13.01 -6.89
C PHE B 72 -16.49 -12.83 -5.62
N GLU B 73 -17.19 -13.89 -5.22
CA GLU B 73 -17.97 -13.87 -3.98
C GLU B 73 -17.97 -15.30 -3.46
N SER B 74 -17.70 -15.49 -2.17
CA SER B 74 -17.66 -16.84 -1.63
C SER B 74 -19.02 -17.51 -1.53
N PHE B 75 -19.00 -18.83 -1.61
CA PHE B 75 -20.18 -19.66 -1.50
C PHE B 75 -19.79 -20.77 -0.52
N SER B 76 -20.55 -20.90 0.56
CA SER B 76 -20.22 -21.89 1.58
C SER B 76 -21.44 -22.45 2.27
N PHE B 77 -21.38 -23.74 2.61
CA PHE B 77 -22.49 -24.39 3.30
C PHE B 77 -22.54 -23.79 4.71
N ASP B 78 -21.41 -23.23 5.13
CA ASP B 78 -21.29 -22.60 6.44
C ASP B 78 -21.63 -21.12 6.27
N ALA B 79 -22.80 -20.71 6.76
CA ALA B 79 -23.24 -19.32 6.65
C ALA B 79 -22.16 -18.34 7.08
N THR B 80 -21.34 -18.72 8.04
CA THR B 80 -20.27 -17.85 8.55
C THR B 80 -19.26 -17.43 7.48
N PHE B 81 -19.07 -18.26 6.46
CA PHE B 81 -18.14 -17.97 5.39
C PHE B 81 -18.81 -17.79 4.03
N HIS B 82 -20.14 -17.76 4.03
CA HIS B 82 -20.90 -17.63 2.79
C HIS B 82 -21.14 -16.18 2.34
N ALA B 83 -21.11 -15.94 1.04
CA ALA B 83 -21.35 -14.59 0.49
C ALA B 83 -20.36 -13.51 0.96
N LYS B 84 -19.09 -13.87 1.03
CA LYS B 84 -18.07 -12.91 1.46
C LYS B 84 -17.30 -12.38 0.26
N LYS B 85 -16.86 -11.13 0.34
CA LYS B 85 -16.11 -10.49 -0.73
C LYS B 85 -14.66 -10.35 -0.29
N GLN B 86 -13.84 -9.78 -1.18
CA GLN B 86 -12.44 -9.57 -0.90
C GLN B 86 -11.86 -8.46 -1.75
N ILE B 87 -10.98 -7.65 -1.16
CA ILE B 87 -10.29 -6.59 -1.91
C ILE B 87 -8.79 -6.81 -1.69
N PRO B 88 -8.00 -6.75 -2.77
CA PRO B 88 -6.55 -6.94 -2.62
C PRO B 88 -5.95 -5.62 -2.07
N CYS B 89 -4.65 -5.60 -1.79
CA CYS B 89 -4.03 -4.41 -1.22
C CYS B 89 -2.66 -4.11 -1.82
N ILE B 90 -2.57 -3.03 -2.59
CA ILE B 90 -1.31 -2.65 -3.24
C ILE B 90 -0.51 -1.74 -2.32
N VAL B 91 0.66 -2.20 -1.91
CA VAL B 91 1.52 -1.39 -1.05
C VAL B 91 2.76 -1.08 -1.86
N SER B 92 2.85 0.16 -2.33
CA SER B 92 3.97 0.58 -3.16
C SER B 92 4.91 1.65 -2.60
N MET B 93 6.19 1.31 -2.61
CA MET B 93 7.26 2.19 -2.17
C MET B 93 8.14 2.39 -3.41
N LEU B 94 7.54 2.19 -4.58
CA LEU B 94 8.28 2.35 -5.83
C LEU B 94 8.55 3.84 -6.07
N THR B 95 9.62 4.13 -6.81
CA THR B 95 9.96 5.53 -7.10
C THR B 95 9.85 5.81 -8.58
N LYS B 96 9.55 4.78 -9.36
CA LYS B 96 9.40 4.98 -10.79
C LYS B 96 8.30 4.10 -11.34
N GLU B 97 7.90 4.37 -12.57
CA GLU B 97 6.87 3.59 -13.23
C GLU B 97 7.49 2.28 -13.69
N LEU B 98 6.76 1.19 -13.53
CA LEU B 98 7.24 -0.14 -13.92
C LEU B 98 6.49 -0.71 -15.13
N TYR B 99 7.24 -1.01 -16.18
CA TYR B 99 6.68 -1.58 -17.39
C TYR B 99 7.44 -2.87 -17.69
N PHE B 100 6.72 -3.96 -17.94
CA PHE B 100 7.36 -5.24 -18.23
C PHE B 100 7.65 -5.31 -19.74
N TYR B 101 8.35 -4.32 -20.27
CA TYR B 101 8.74 -4.32 -21.68
C TYR B 101 9.65 -3.12 -21.96
N HIS B 102 10.27 -3.08 -23.12
CA HIS B 102 11.14 -1.97 -23.48
C HIS B 102 11.26 -1.79 -24.98
N ASP C 6 -15.23 0.64 -18.19
CA ASP C 6 -14.92 1.83 -17.42
C ASP C 6 -13.76 1.60 -16.44
N ASN C 7 -12.60 2.17 -16.75
CA ASN C 7 -11.39 2.02 -15.95
C ASN C 7 -11.04 3.25 -15.10
N SER C 8 -11.90 4.27 -15.13
CA SER C 8 -11.68 5.52 -14.40
C SER C 8 -12.88 5.91 -13.55
N TYR C 9 -12.63 6.39 -12.34
CA TYR C 9 -13.72 6.80 -11.48
C TYR C 9 -14.48 7.96 -12.13
N LYS C 10 -15.79 8.01 -11.91
CA LYS C 10 -16.65 9.06 -12.42
C LYS C 10 -16.26 10.26 -11.54
N MET C 11 -15.54 11.23 -12.11
CA MET C 11 -15.15 12.39 -11.34
C MET C 11 -15.84 13.64 -11.89
N ASP C 12 -16.97 13.44 -12.56
CA ASP C 12 -17.71 14.55 -13.15
C ASP C 12 -19.05 14.83 -12.46
N TYR C 13 -19.09 14.58 -11.16
CA TYR C 13 -20.30 14.86 -10.38
C TYR C 13 -20.34 16.37 -10.15
N PRO C 14 -21.48 16.90 -9.69
CA PRO C 14 -21.57 18.35 -9.45
C PRO C 14 -20.42 18.88 -8.61
N GLU C 15 -19.99 18.09 -7.62
CA GLU C 15 -18.90 18.48 -6.72
C GLU C 15 -17.81 17.43 -6.63
N MET C 16 -16.55 17.86 -6.53
CA MET C 16 -15.43 16.93 -6.42
C MET C 16 -15.51 16.20 -5.08
N GLY C 17 -16.04 16.89 -4.08
CA GLY C 17 -16.18 16.32 -2.76
C GLY C 17 -15.49 17.16 -1.71
N LEU C 18 -15.50 16.68 -0.47
CA LEU C 18 -14.89 17.38 0.65
C LEU C 18 -13.42 17.06 0.81
N CYS C 19 -12.72 17.89 1.59
CA CYS C 19 -11.32 17.69 1.89
C CYS C 19 -11.12 18.10 3.34
N ILE C 20 -11.21 17.14 4.25
CA ILE C 20 -11.04 17.41 5.66
C ILE C 20 -9.58 17.38 6.04
N ILE C 21 -9.05 18.51 6.51
CA ILE C 21 -7.66 18.59 6.91
C ILE C 21 -7.58 18.76 8.42
N ILE C 22 -7.17 17.71 9.13
CA ILE C 22 -7.03 17.81 10.57
C ILE C 22 -5.58 18.17 10.83
N ASN C 23 -5.37 19.33 11.44
CA ASN C 23 -4.03 19.82 11.72
C ASN C 23 -3.78 20.02 13.21
N ASN C 24 -3.17 19.03 13.84
CA ASN C 24 -2.86 19.09 15.27
C ASN C 24 -1.43 19.56 15.49
N LYS C 25 -1.29 20.71 16.14
CA LYS C 25 0.03 21.30 16.39
C LYS C 25 0.43 21.30 17.86
N ASN C 26 -0.55 21.56 18.73
CA ASN C 26 -0.31 21.61 20.16
C ASN C 26 -1.05 20.51 20.90
N PHE C 27 -0.35 19.83 21.80
CA PHE C 27 -0.91 18.73 22.58
C PHE C 27 -0.95 19.00 24.08
N HIS C 28 -1.96 18.49 24.78
CA HIS C 28 -2.03 18.67 26.24
C HIS C 28 -0.77 18.14 26.90
N LYS C 29 -0.48 18.65 28.10
CA LYS C 29 0.71 18.25 28.86
C LYS C 29 0.81 16.74 29.03
N SER C 30 -0.18 16.16 29.67
CA SER C 30 -0.23 14.72 29.92
C SER C 30 0.46 13.87 28.87
N THR C 31 0.19 14.17 27.60
CA THR C 31 0.79 13.40 26.50
C THR C 31 2.31 13.53 26.46
N GLY C 32 2.82 14.73 26.73
CA GLY C 32 4.25 14.93 26.71
C GLY C 32 4.78 14.94 25.30
N MET C 33 3.98 15.45 24.37
CA MET C 33 4.36 15.51 22.97
C MET C 33 4.69 16.95 22.56
N THR C 34 5.83 17.11 21.91
CA THR C 34 6.28 18.43 21.46
C THR C 34 5.35 19.01 20.41
N SER C 35 5.48 20.32 20.17
CA SER C 35 4.66 21.00 19.19
C SER C 35 5.16 20.71 17.79
N ARG C 36 4.23 20.43 16.88
CA ARG C 36 4.58 20.13 15.50
C ARG C 36 4.79 21.40 14.70
N SER C 37 5.83 22.16 15.07
CA SER C 37 6.14 23.41 14.38
C SER C 37 6.39 23.20 12.89
N GLY C 38 5.74 24.02 12.07
CA GLY C 38 5.89 23.92 10.64
C GLY C 38 4.64 23.34 9.99
N THR C 39 3.83 22.64 10.78
CA THR C 39 2.61 22.01 10.28
C THR C 39 1.61 22.98 9.67
N ASP C 40 1.58 24.21 10.17
CA ASP C 40 0.70 25.25 9.65
C ASP C 40 1.00 25.46 8.17
N VAL C 41 2.29 25.36 7.83
CA VAL C 41 2.72 25.51 6.45
C VAL C 41 2.05 24.45 5.60
N ASP C 42 2.05 23.22 6.11
CA ASP C 42 1.43 22.12 5.39
C ASP C 42 -0.05 22.31 5.25
N ALA C 43 -0.69 22.67 6.36
CA ALA C 43 -2.13 22.87 6.37
C ALA C 43 -2.54 23.91 5.35
N ALA C 44 -1.78 24.99 5.25
CA ALA C 44 -2.08 26.05 4.30
C ALA C 44 -1.78 25.59 2.89
N ASN C 45 -0.66 24.89 2.74
CA ASN C 45 -0.26 24.37 1.43
C ASN C 45 -1.32 23.43 0.86
N LEU C 46 -1.78 22.49 1.69
CA LEU C 46 -2.81 21.52 1.28
C LEU C 46 -4.12 22.23 0.93
N ARG C 47 -4.52 23.17 1.77
CA ARG C 47 -5.75 23.91 1.55
C ARG C 47 -5.74 24.58 0.18
N GLU C 48 -4.66 25.28 -0.16
CA GLU C 48 -4.59 25.95 -1.45
C GLU C 48 -4.54 24.97 -2.62
N THR C 49 -3.77 23.90 -2.47
CA THR C 49 -3.61 22.89 -3.52
C THR C 49 -4.93 22.18 -3.78
N PHE C 50 -5.64 21.81 -2.73
CA PHE C 50 -6.90 21.11 -2.94
C PHE C 50 -8.01 22.06 -3.39
N ARG C 51 -7.82 23.36 -3.14
CA ARG C 51 -8.79 24.36 -3.56
C ARG C 51 -8.69 24.45 -5.08
N ASN C 52 -7.48 24.38 -5.62
CA ASN C 52 -7.32 24.45 -7.06
C ASN C 52 -7.92 23.24 -7.76
N LEU C 53 -7.90 22.09 -7.10
CA LEU C 53 -8.46 20.86 -7.65
C LEU C 53 -9.98 20.86 -7.53
N LYS C 54 -10.51 21.98 -7.04
CA LYS C 54 -11.96 22.16 -6.86
C LYS C 54 -12.60 21.37 -5.72
N TYR C 55 -11.85 21.09 -4.66
CA TYR C 55 -12.40 20.38 -3.51
C TYR C 55 -12.91 21.38 -2.49
N GLU C 56 -13.92 20.98 -1.73
CA GLU C 56 -14.49 21.83 -0.68
C GLU C 56 -13.63 21.58 0.54
N VAL C 57 -12.61 22.41 0.73
CA VAL C 57 -11.69 22.25 1.86
C VAL C 57 -12.26 22.73 3.20
N ARG C 58 -11.98 21.97 4.25
CA ARG C 58 -12.40 22.29 5.62
C ARG C 58 -11.22 22.03 6.52
N ASN C 59 -10.72 23.07 7.19
CA ASN C 59 -9.58 22.92 8.09
C ASN C 59 -9.99 22.90 9.57
N LYS C 60 -9.47 21.92 10.30
CA LYS C 60 -9.77 21.82 11.72
C LYS C 60 -8.43 21.71 12.43
N ASN C 61 -8.21 22.54 13.43
CA ASN C 61 -6.95 22.54 14.15
C ASN C 61 -7.09 22.08 15.61
N ASP C 62 -6.01 21.52 16.13
CA ASP C 62 -5.94 21.02 17.50
C ASP C 62 -7.26 20.37 17.93
N LEU C 63 -7.50 19.15 17.47
CA LEU C 63 -8.70 18.41 17.82
C LEU C 63 -8.34 17.29 18.79
N THR C 64 -9.20 17.10 19.78
CA THR C 64 -9.01 16.07 20.78
C THR C 64 -9.30 14.74 20.11
N ARG C 65 -8.82 13.66 20.69
CA ARG C 65 -9.07 12.36 20.10
C ARG C 65 -10.58 12.17 19.99
N GLU C 66 -11.34 12.71 20.95
CA GLU C 66 -12.79 12.60 20.90
C GLU C 66 -13.37 13.41 19.73
N GLU C 67 -12.87 14.64 19.52
CA GLU C 67 -13.38 15.49 18.44
C GLU C 67 -13.09 14.92 17.04
N ILE C 68 -11.97 14.20 16.91
CA ILE C 68 -11.60 13.60 15.62
C ILE C 68 -12.67 12.57 15.24
N VAL C 69 -12.95 11.65 16.15
CA VAL C 69 -13.95 10.62 15.94
C VAL C 69 -15.33 11.22 15.70
N GLU C 70 -15.66 12.28 16.44
CA GLU C 70 -16.95 12.94 16.30
C GLU C 70 -17.03 13.61 14.93
N LEU C 71 -15.95 14.26 14.52
CA LEU C 71 -15.90 14.93 13.22
C LEU C 71 -16.11 13.92 12.10
N MET C 72 -15.37 12.82 12.19
CA MET C 72 -15.45 11.77 11.20
C MET C 72 -16.86 11.20 11.13
N ARG C 73 -17.44 10.94 12.30
CA ARG C 73 -18.79 10.40 12.38
C ARG C 73 -19.76 11.35 11.67
N ASP C 74 -19.70 12.63 12.02
CA ASP C 74 -20.57 13.64 11.42
C ASP C 74 -20.39 13.72 9.90
N VAL C 75 -19.15 13.74 9.43
CA VAL C 75 -18.86 13.83 8.00
C VAL C 75 -19.38 12.61 7.24
N SER C 76 -19.17 11.42 7.82
CA SER C 76 -19.64 10.20 7.18
C SER C 76 -21.16 10.14 7.17
N LYS C 77 -21.80 10.99 7.97
CA LYS C 77 -23.26 11.01 7.99
C LYS C 77 -23.87 12.08 7.09
N GLU C 78 -23.04 12.73 6.27
CA GLU C 78 -23.52 13.75 5.35
C GLU C 78 -23.96 13.10 4.04
N ASP C 79 -24.69 13.84 3.21
CA ASP C 79 -25.13 13.28 1.94
C ASP C 79 -24.09 13.59 0.87
N HIS C 80 -23.33 12.59 0.46
CA HIS C 80 -22.30 12.78 -0.55
C HIS C 80 -22.78 12.45 -1.96
N SER C 81 -24.09 12.31 -2.12
CA SER C 81 -24.67 11.98 -3.42
C SER C 81 -24.16 12.81 -4.61
N LYS C 82 -23.94 14.10 -4.39
CA LYS C 82 -23.48 14.98 -5.46
C LYS C 82 -21.95 15.11 -5.53
N ARG C 83 -21.25 14.44 -4.62
CA ARG C 83 -19.80 14.50 -4.56
C ARG C 83 -19.09 13.31 -5.22
N SER C 84 -18.05 13.62 -5.99
CA SER C 84 -17.26 12.62 -6.71
C SER C 84 -16.34 11.79 -5.85
N SER C 85 -15.92 12.34 -4.73
CA SER C 85 -15.01 11.63 -3.87
C SER C 85 -14.92 12.25 -2.50
N PHE C 86 -13.99 11.75 -1.71
CA PHE C 86 -13.79 12.26 -0.37
C PHE C 86 -12.32 12.19 -0.05
N VAL C 87 -11.79 13.27 0.53
CA VAL C 87 -10.37 13.32 0.89
C VAL C 87 -10.21 13.79 2.34
N CYS C 88 -9.35 13.12 3.09
CA CYS C 88 -9.09 13.47 4.48
C CYS C 88 -7.59 13.52 4.74
N VAL C 89 -7.11 14.64 5.26
CA VAL C 89 -5.68 14.75 5.56
C VAL C 89 -5.47 14.81 7.06
N LEU C 90 -4.52 14.03 7.54
CA LEU C 90 -4.22 13.95 8.97
C LEU C 90 -2.80 14.39 9.21
N LEU C 91 -2.64 15.50 9.93
CA LEU C 91 -1.33 16.02 10.24
C LEU C 91 -1.24 16.00 11.75
N SER C 92 -0.42 15.10 12.28
CA SER C 92 -0.27 14.94 13.70
C SER C 92 0.78 13.92 14.04
N HIS C 93 0.88 13.60 15.33
CA HIS C 93 1.85 12.60 15.75
C HIS C 93 1.32 11.21 15.48
N GLY C 94 2.18 10.20 15.53
CA GLY C 94 1.72 8.86 15.29
C GLY C 94 2.64 7.69 15.64
N GLU C 95 2.05 6.50 15.57
CA GLU C 95 2.72 5.23 15.84
C GLU C 95 2.07 4.32 14.82
N GLU C 96 2.65 3.14 14.58
CA GLU C 96 2.07 2.24 13.60
C GLU C 96 0.56 2.08 13.80
N GLY C 97 -0.21 2.43 12.78
CA GLY C 97 -1.66 2.30 12.85
C GLY C 97 -2.40 3.29 13.71
N ILE C 98 -1.76 4.41 14.08
CA ILE C 98 -2.42 5.38 14.93
C ILE C 98 -2.13 6.85 14.68
N ILE C 99 -3.15 7.68 14.86
CA ILE C 99 -3.02 9.13 14.70
C ILE C 99 -3.31 9.73 16.09
N PHE C 100 -2.57 10.76 16.48
CA PHE C 100 -2.76 11.38 17.80
C PHE C 100 -3.67 12.59 17.88
N GLY C 101 -4.68 12.50 18.74
CA GLY C 101 -5.53 13.61 18.95
C GLY C 101 -4.74 14.47 19.91
N THR C 102 -5.19 15.69 20.21
CA THR C 102 -4.42 16.55 21.10
C THR C 102 -4.26 15.99 22.51
N ASN C 103 -5.16 15.09 22.92
CA ASN C 103 -5.13 14.53 24.26
C ASN C 103 -4.88 13.02 24.33
N GLY C 104 -4.70 12.38 23.18
CA GLY C 104 -4.46 10.95 23.19
C GLY C 104 -4.53 10.27 21.84
N PRO C 105 -4.07 9.02 21.76
CA PRO C 105 -4.07 8.24 20.52
C PRO C 105 -5.46 7.87 20.00
N VAL C 106 -5.54 7.67 18.69
CA VAL C 106 -6.77 7.28 18.02
C VAL C 106 -6.40 6.28 16.92
N ASP C 107 -7.03 5.11 16.94
CA ASP C 107 -6.76 4.11 15.92
C ASP C 107 -7.25 4.58 14.55
N LEU C 108 -6.36 4.55 13.58
CA LEU C 108 -6.67 4.97 12.20
C LEU C 108 -7.84 4.18 11.63
N LYS C 109 -7.94 2.94 12.07
CA LYS C 109 -9.00 2.06 11.61
C LYS C 109 -10.34 2.62 12.04
N LYS C 110 -10.42 3.08 13.28
CA LYS C 110 -11.67 3.63 13.80
C LYS C 110 -12.12 4.82 12.94
N ILE C 111 -11.16 5.60 12.49
CA ILE C 111 -11.45 6.76 11.64
C ILE C 111 -11.94 6.33 10.27
N THR C 112 -11.13 5.53 9.57
CA THR C 112 -11.53 5.09 8.24
C THR C 112 -12.79 4.21 8.18
N ASN C 113 -13.14 3.52 9.27
CA ASN C 113 -14.34 2.67 9.26
C ASN C 113 -15.64 3.44 9.03
N PHE C 114 -15.73 4.68 9.51
CA PHE C 114 -16.95 5.48 9.33
C PHE C 114 -17.34 5.60 7.86
N PHE C 115 -16.35 5.41 6.99
CA PHE C 115 -16.56 5.54 5.55
C PHE C 115 -16.63 4.19 4.81
N ARG C 116 -16.66 3.09 5.56
CA ARG C 116 -16.76 1.76 4.95
C ARG C 116 -17.91 1.77 3.95
N GLY C 117 -17.70 1.14 2.81
CA GLY C 117 -18.72 1.09 1.78
C GLY C 117 -20.12 0.73 2.23
N ASP C 118 -20.25 0.16 3.42
CA ASP C 118 -21.56 -0.22 3.95
C ASP C 118 -22.09 0.74 5.01
N ARG C 119 -21.20 1.57 5.57
CA ARG C 119 -21.58 2.52 6.60
C ARG C 119 -21.78 3.95 6.08
N CYS C 120 -21.31 4.21 4.85
CA CYS C 120 -21.48 5.52 4.24
C CYS C 120 -21.89 5.27 2.79
N ARG C 121 -23.17 4.97 2.62
CA ARG C 121 -23.71 4.66 1.30
C ARG C 121 -23.56 5.76 0.26
N SER C 122 -23.59 7.04 0.67
CA SER C 122 -23.45 8.08 -0.35
C SER C 122 -22.05 8.13 -0.95
N LEU C 123 -21.11 7.35 -0.40
CA LEU C 123 -19.75 7.30 -0.96
C LEU C 123 -19.38 5.90 -1.48
N THR C 124 -20.30 4.94 -1.41
CA THR C 124 -20.03 3.59 -1.91
C THR C 124 -19.70 3.69 -3.40
N GLY C 125 -18.59 3.09 -3.80
CA GLY C 125 -18.20 3.13 -5.20
C GLY C 125 -17.42 4.37 -5.55
N LYS C 126 -17.16 5.21 -4.55
CA LYS C 126 -16.41 6.44 -4.77
C LYS C 126 -15.06 6.40 -4.04
N PRO C 127 -14.00 6.87 -4.71
CA PRO C 127 -12.65 6.89 -4.14
C PRO C 127 -12.57 7.71 -2.84
N LYS C 128 -12.15 7.04 -1.78
CA LYS C 128 -11.99 7.62 -0.46
C LYS C 128 -10.49 7.70 -0.19
N LEU C 129 -9.92 8.91 -0.29
CA LEU C 129 -8.49 9.11 -0.08
C LEU C 129 -8.10 9.66 1.29
N PHE C 130 -7.22 8.94 1.99
CA PHE C 130 -6.72 9.35 3.29
C PHE C 130 -5.24 9.60 3.20
N ILE C 131 -4.84 10.83 3.50
CA ILE C 131 -3.44 11.21 3.45
C ILE C 131 -2.96 11.40 4.89
N ILE C 132 -2.04 10.52 5.33
CA ILE C 132 -1.55 10.58 6.70
C ILE C 132 -0.10 10.97 6.85
N GLN C 133 0.12 12.14 7.46
CA GLN C 133 1.47 12.63 7.72
C GLN C 133 1.67 12.46 9.22
N ALA C 134 2.40 11.42 9.59
CA ALA C 134 2.66 11.12 10.99
C ALA C 134 3.58 9.92 11.04
N CYS C 135 4.26 9.75 12.16
CA CYS C 135 5.17 8.63 12.33
C CYS C 135 4.38 7.33 12.41
N ARG C 136 5.05 6.24 12.05
CA ARG C 136 4.48 4.90 12.05
C ARG C 136 5.39 4.01 12.87
N GLY C 137 6.24 4.64 13.68
CA GLY C 137 7.20 3.93 14.49
C GLY C 137 8.40 4.82 14.73
N THR C 138 9.44 4.28 15.36
CA THR C 138 10.62 5.07 15.65
C THR C 138 11.87 4.68 14.86
N GLU C 139 11.75 3.77 13.91
CA GLU C 139 12.94 3.38 13.14
C GLU C 139 13.35 4.47 12.15
N LEU C 140 14.66 4.60 11.96
CA LEU C 140 15.21 5.58 11.07
C LEU C 140 15.81 4.86 9.86
N ASP C 141 15.72 5.48 8.69
CA ASP C 141 16.26 4.88 7.47
C ASP C 141 17.62 5.55 7.18
N CYS C 142 18.72 4.80 7.37
CA CYS C 142 20.04 5.36 7.14
C CYS C 142 20.40 5.41 5.65
N GLY C 143 19.47 4.96 4.82
CA GLY C 143 19.66 4.93 3.38
C GLY C 143 20.87 4.20 2.92
N ILE C 144 21.13 4.34 1.62
CA ILE C 144 22.30 3.74 0.98
C ILE C 144 22.69 4.66 -0.18
N GLU C 145 23.98 4.89 -0.38
CA GLU C 145 24.40 5.77 -1.48
C GLU C 145 24.37 5.10 -2.84
N THR C 146 24.04 5.88 -3.86
CA THR C 146 23.95 5.39 -5.23
C THR C 146 24.95 6.11 -6.14
N LYS D 11 -22.21 -7.20 -5.60
CA LYS D 11 -21.67 -6.54 -4.41
C LYS D 11 -20.20 -6.20 -4.54
N ILE D 12 -19.74 -5.33 -3.64
CA ILE D 12 -18.33 -4.94 -3.60
C ILE D 12 -17.84 -5.03 -2.17
N PRO D 13 -16.53 -5.16 -1.96
CA PRO D 13 -16.06 -5.25 -0.58
C PRO D 13 -16.27 -3.90 0.11
N VAL D 14 -16.53 -3.93 1.42
CA VAL D 14 -16.74 -2.70 2.18
C VAL D 14 -15.39 -1.99 2.37
N GLU D 15 -14.30 -2.70 2.13
CA GLU D 15 -12.96 -2.12 2.27
C GLU D 15 -12.42 -1.63 0.93
N ALA D 16 -13.21 -1.79 -0.12
CA ALA D 16 -12.79 -1.38 -1.46
C ALA D 16 -12.88 0.14 -1.68
N ASP D 17 -12.22 0.59 -2.75
CA ASP D 17 -12.21 2.00 -3.13
C ASP D 17 -11.60 2.92 -2.09
N PHE D 18 -10.65 2.37 -1.34
CA PHE D 18 -9.94 3.14 -0.34
C PHE D 18 -8.52 3.36 -0.81
N LEU D 19 -7.91 4.46 -0.38
CA LEU D 19 -6.55 4.76 -0.76
C LEU D 19 -5.89 5.47 0.41
N TYR D 20 -4.87 4.83 0.96
CA TYR D 20 -4.15 5.41 2.09
C TYR D 20 -2.77 5.83 1.62
N ALA D 21 -2.53 7.13 1.58
CA ALA D 21 -1.24 7.64 1.16
C ALA D 21 -0.44 8.03 2.40
N TYR D 22 0.38 7.10 2.88
CA TYR D 22 1.20 7.33 4.06
C TYR D 22 2.47 8.06 3.69
N SER D 23 2.89 8.95 4.57
CA SER D 23 4.08 9.76 4.39
C SER D 23 5.36 8.93 4.51
N THR D 24 5.27 7.84 5.25
CA THR D 24 6.45 7.00 5.45
C THR D 24 6.11 5.51 5.49
N ALA D 25 7.14 4.67 5.50
CA ALA D 25 6.99 3.23 5.53
C ALA D 25 6.57 2.73 6.91
N PRO D 26 5.91 1.57 6.97
CA PRO D 26 5.44 0.96 8.22
C PRO D 26 6.59 0.89 9.25
N GLY D 27 6.30 1.23 10.51
CA GLY D 27 7.32 1.19 11.53
C GLY D 27 8.40 2.26 11.50
N TYR D 28 8.36 3.15 10.50
CA TYR D 28 9.37 4.21 10.40
C TYR D 28 8.94 5.63 10.83
N TYR D 29 9.96 6.47 11.03
CA TYR D 29 9.80 7.87 11.41
C TYR D 29 9.31 8.62 10.18
N SER D 30 8.72 9.79 10.40
CA SER D 30 8.24 10.63 9.30
C SER D 30 8.79 12.03 9.56
N TRP D 31 9.75 12.47 8.76
CA TRP D 31 10.38 13.77 8.96
C TRP D 31 9.59 15.04 8.61
N ARG D 32 9.70 16.03 9.50
CA ARG D 32 9.05 17.32 9.36
C ARG D 32 10.02 18.47 9.65
N ASN D 33 10.09 19.42 8.73
CA ASN D 33 10.95 20.60 8.87
C ASN D 33 10.10 21.76 9.38
N SER D 34 10.46 22.31 10.54
CA SER D 34 9.72 23.42 11.15
C SER D 34 9.65 24.71 10.33
N LYS D 35 10.32 24.77 9.20
CA LYS D 35 10.31 25.96 8.37
C LYS D 35 9.58 25.79 7.05
N ASP D 36 9.76 24.65 6.40
CA ASP D 36 9.12 24.34 5.11
C ASP D 36 7.99 23.34 5.24
N GLY D 37 7.83 22.73 6.42
CA GLY D 37 6.82 21.71 6.59
C GLY D 37 7.39 20.31 6.44
N SER D 38 6.51 19.33 6.47
CA SER D 38 6.92 17.94 6.36
C SER D 38 7.37 17.58 4.94
N TRP D 39 8.36 16.70 4.85
CA TRP D 39 8.88 16.30 3.54
C TRP D 39 7.78 15.80 2.61
N PHE D 40 6.90 14.94 3.14
CA PHE D 40 5.83 14.34 2.36
C PHE D 40 4.79 15.34 1.84
N ILE D 41 4.18 16.09 2.75
CA ILE D 41 3.17 17.05 2.32
C ILE D 41 3.75 18.07 1.36
N GLN D 42 5.00 18.44 1.62
CA GLN D 42 5.71 19.40 0.79
C GLN D 42 5.75 18.85 -0.64
N SER D 43 6.14 17.59 -0.75
CA SER D 43 6.25 16.93 -2.04
C SER D 43 4.90 16.61 -2.68
N LEU D 44 3.94 16.19 -1.87
CA LEU D 44 2.62 15.87 -2.37
C LEU D 44 1.98 17.10 -3.02
N CYS D 45 2.03 18.23 -2.33
CA CYS D 45 1.43 19.46 -2.87
C CYS D 45 2.08 19.86 -4.20
N ALA D 46 3.40 19.79 -4.27
CA ALA D 46 4.12 20.17 -5.50
C ALA D 46 3.79 19.22 -6.66
N MET D 47 3.82 17.93 -6.40
CA MET D 47 3.52 16.98 -7.47
C MET D 47 2.08 17.20 -7.98
N LEU D 48 1.13 17.38 -7.07
CA LEU D 48 -0.25 17.62 -7.52
C LEU D 48 -0.31 18.90 -8.37
N LYS D 49 0.27 19.97 -7.85
CA LYS D 49 0.27 21.24 -8.57
C LYS D 49 0.79 21.09 -9.99
N GLN D 50 1.85 20.32 -10.16
CA GLN D 50 2.42 20.14 -11.48
C GLN D 50 1.81 19.04 -12.36
N TYR D 51 1.31 17.99 -11.75
CA TYR D 51 0.78 16.86 -12.53
C TYR D 51 -0.70 16.47 -12.41
N ALA D 52 -1.43 17.10 -11.50
CA ALA D 52 -2.84 16.75 -11.31
C ALA D 52 -3.70 16.97 -12.55
N ASP D 53 -3.13 17.60 -13.56
CA ASP D 53 -3.88 17.90 -14.77
C ASP D 53 -3.52 16.98 -15.93
N LYS D 54 -2.56 16.08 -15.71
CA LYS D 54 -2.15 15.18 -16.78
C LYS D 54 -1.81 13.74 -16.36
N LEU D 55 -1.66 13.50 -15.07
CA LEU D 55 -1.32 12.15 -14.59
C LEU D 55 -2.38 11.48 -13.74
N GLU D 56 -2.36 10.15 -13.74
CA GLU D 56 -3.30 9.39 -12.92
C GLU D 56 -2.71 9.49 -11.52
N PHE D 57 -3.57 9.51 -10.51
CA PHE D 57 -3.14 9.63 -9.13
C PHE D 57 -2.01 8.71 -8.68
N MET D 58 -2.07 7.43 -9.03
CA MET D 58 -1.02 6.53 -8.62
C MET D 58 0.37 6.97 -9.10
N HIS D 59 0.43 7.46 -10.34
CA HIS D 59 1.68 7.93 -10.95
C HIS D 59 2.14 9.24 -10.34
N ILE D 60 1.19 10.02 -9.80
CA ILE D 60 1.53 11.27 -9.18
C ILE D 60 2.16 10.96 -7.84
N LEU D 61 1.59 9.97 -7.14
CA LEU D 61 2.11 9.58 -5.84
C LEU D 61 3.44 8.85 -5.94
N THR D 62 3.75 8.33 -7.14
CA THR D 62 5.01 7.63 -7.33
C THR D 62 6.11 8.69 -7.47
N ARG D 63 5.76 9.79 -8.12
CA ARG D 63 6.70 10.89 -8.30
C ARG D 63 6.96 11.46 -6.90
N VAL D 64 5.91 11.49 -6.08
CA VAL D 64 6.06 11.97 -4.71
C VAL D 64 7.10 11.09 -4.04
N ASN D 65 6.94 9.77 -4.17
CA ASN D 65 7.87 8.82 -3.58
C ASN D 65 9.31 9.12 -3.96
N ARG D 66 9.54 9.30 -5.26
CA ARG D 66 10.90 9.57 -5.75
C ARG D 66 11.40 10.90 -5.20
N LYS D 67 10.57 11.93 -5.26
CA LYS D 67 10.95 13.24 -4.78
C LYS D 67 11.42 13.18 -3.33
N VAL D 68 10.60 12.59 -2.46
CA VAL D 68 10.94 12.47 -1.06
C VAL D 68 12.20 11.65 -0.79
N ALA D 69 12.32 10.55 -1.53
CA ALA D 69 13.45 9.65 -1.39
C ALA D 69 14.76 10.22 -1.90
N THR D 70 14.70 11.04 -2.93
CA THR D 70 15.92 11.61 -3.51
C THR D 70 16.28 13.04 -3.12
N GLU D 71 15.30 13.93 -2.96
CA GLU D 71 15.59 15.31 -2.63
C GLU D 71 15.64 15.65 -1.15
N PHE D 72 15.47 14.64 -0.31
CA PHE D 72 15.48 14.87 1.13
C PHE D 72 16.42 13.96 1.91
N GLU D 73 17.04 14.53 2.93
CA GLU D 73 17.93 13.81 3.83
C GLU D 73 18.06 14.67 5.09
N SER D 74 17.89 14.05 6.25
CA SER D 74 17.96 14.79 7.51
C SER D 74 19.34 15.31 7.85
N PHE D 75 19.36 16.34 8.69
CA PHE D 75 20.59 16.95 9.13
C PHE D 75 20.43 17.25 10.61
N SER D 76 21.34 16.73 11.42
CA SER D 76 21.24 16.93 12.85
C SER D 76 22.62 16.91 13.49
N PHE D 77 22.77 17.62 14.60
CA PHE D 77 24.03 17.64 15.30
C PHE D 77 24.12 16.30 16.01
N ASP D 78 22.96 15.70 16.24
CA ASP D 78 22.89 14.39 16.89
C ASP D 78 23.13 13.31 15.84
N ALA D 79 24.28 12.65 15.90
CA ALA D 79 24.59 11.61 14.92
C ALA D 79 23.45 10.60 14.73
N THR D 80 22.70 10.34 15.79
CA THR D 80 21.57 9.41 15.75
C THR D 80 20.53 9.79 14.71
N PHE D 81 20.27 11.08 14.55
CA PHE D 81 19.28 11.52 13.59
C PHE D 81 19.84 12.18 12.36
N HIS D 82 21.17 12.17 12.21
CA HIS D 82 21.79 12.80 11.06
C HIS D 82 21.80 11.94 9.80
N ALA D 83 21.81 12.58 8.63
CA ALA D 83 21.84 11.91 7.33
C ALA D 83 20.86 10.74 7.13
N LYS D 84 19.62 10.93 7.51
CA LYS D 84 18.61 9.89 7.37
C LYS D 84 17.70 10.11 6.17
N LYS D 85 17.14 9.03 5.64
CA LYS D 85 16.28 9.13 4.49
C LYS D 85 14.87 8.74 4.83
N GLN D 86 13.98 8.86 3.84
CA GLN D 86 12.58 8.52 4.04
C GLN D 86 11.90 8.14 2.72
N ILE D 87 10.99 7.17 2.79
CA ILE D 87 10.21 6.75 1.63
C ILE D 87 8.73 6.70 2.01
N PRO D 88 7.84 7.33 1.20
CA PRO D 88 6.41 7.30 1.53
C PRO D 88 5.86 5.88 1.26
N CYS D 89 4.60 5.64 1.54
CA CYS D 89 4.02 4.31 1.36
C CYS D 89 2.59 4.38 0.82
N ILE D 90 2.43 4.06 -0.46
CA ILE D 90 1.12 4.08 -1.11
C ILE D 90 0.35 2.78 -0.87
N VAL D 91 -0.78 2.87 -0.19
CA VAL D 91 -1.60 1.69 0.07
C VAL D 91 -2.93 1.86 -0.64
N SER D 92 -3.07 1.17 -1.78
CA SER D 92 -4.27 1.26 -2.59
C SER D 92 -5.19 0.04 -2.71
N MET D 93 -6.45 0.27 -2.35
CA MET D 93 -7.53 -0.70 -2.44
C MET D 93 -8.49 -0.11 -3.46
N LEU D 94 -8.01 0.79 -4.30
CA LEU D 94 -8.89 1.40 -5.29
C LEU D 94 -9.16 0.38 -6.38
N THR D 95 -10.27 0.55 -7.09
CA THR D 95 -10.60 -0.38 -8.15
C THR D 95 -10.56 0.27 -9.53
N LYS D 96 -10.25 1.56 -9.57
CA LYS D 96 -10.16 2.28 -10.82
C LYS D 96 -9.08 3.34 -10.80
N GLU D 97 -8.81 3.94 -11.96
CA GLU D 97 -7.79 4.98 -12.05
C GLU D 97 -8.43 6.31 -11.65
N LEU D 98 -7.71 7.10 -10.86
CA LEU D 98 -8.21 8.38 -10.37
C LEU D 98 -7.58 9.57 -11.11
N TYR D 99 -8.41 10.33 -11.80
CA TYR D 99 -7.96 11.51 -12.53
C TYR D 99 -8.67 12.72 -11.94
N PHE D 100 -7.90 13.72 -11.55
CA PHE D 100 -8.46 14.92 -10.97
C PHE D 100 -9.02 15.89 -12.01
N TYR D 101 -8.75 15.61 -13.28
CA TYR D 101 -9.24 16.45 -14.37
C TYR D 101 -10.23 15.69 -15.24
N HIS D 102 -10.88 16.40 -16.16
CA HIS D 102 -11.86 15.81 -17.08
C HIS D 102 -12.46 16.85 -18.02
C15 DZE E . -11.73 -20.07 2.87
C14 DZE E . -10.29 -20.54 2.99
C16 DZE E . -9.81 -21.03 1.62
C17 DZE E . -10.19 -21.67 4.03
O13 DZE E . -9.50 -19.43 3.41
C11 DZE E . -8.16 -19.72 3.56
O12 DZE E . -7.75 -20.88 3.34
N10 DZE E . -7.34 -18.75 3.96
C4 DZE E . -5.91 -18.98 4.15
C2 DZE E . -5.39 -18.27 5.41
C1 DZE E . -6.46 -18.10 6.49
O3 DZE E . -4.23 -17.87 5.58
C5 DZE E . -5.12 -18.50 2.94
C6 DZE E . -4.85 -19.60 1.95
O8 DZE E . -4.77 -19.17 0.59
C9 DZE E . -3.78 -18.22 0.18
O7 DZE E . -4.11 -20.52 2.34
C1 GOL F . -14.42 -19.88 -4.77
O1 GOL F . -14.77 -18.84 -5.68
C2 GOL F . -15.06 -19.62 -3.40
O2 GOL F . -16.49 -19.54 -3.53
C3 GOL F . -14.71 -20.76 -2.45
O3 GOL F . -15.31 -20.51 -1.18
C15 DZE G . 11.19 14.49 15.66
C14 DZE G . 11.10 14.77 14.15
C16 DZE G . 12.48 14.58 13.52
C17 DZE G . 10.60 16.20 13.89
O13 DZE G . 10.21 13.82 13.54
C11 DZE G . 8.92 13.85 14.05
O12 DZE G . 8.64 14.68 14.95
N10 DZE G . 8.02 13.00 13.57
C4 DZE G . 6.64 12.95 14.04
C2 DZE G . 6.21 11.61 14.64
C1 DZE G . 7.37 10.86 15.30
O3 DZE G . 5.07 11.16 14.63
C5 DZE G . 5.68 13.32 12.92
C6 DZE G . 5.50 14.82 12.79
O8 DZE G . 4.90 15.23 11.55
C9 DZE G . 3.61 14.76 11.16
O7 DZE G . 5.18 15.39 13.85
C1 GOL H . 14.54 18.95 7.90
O1 GOL H . 14.78 18.56 6.55
C2 GOL H . 15.16 17.94 8.87
O2 GOL H . 16.58 17.85 8.63
C3 GOL H . 14.91 18.39 10.31
O3 GOL H . 15.50 17.45 11.22
#